data_6UNR
#
_entry.id   6UNR
#
_cell.length_a   59.122
_cell.length_b   87.124
_cell.length_c   138.916
_cell.angle_alpha   90.000
_cell.angle_beta   90.000
_cell.angle_gamma   90.000
#
_symmetry.space_group_name_H-M   'C 2 2 21'
#
loop_
_entity.id
_entity.type
_entity.pdbx_description
1 polymer 'Activin receptor type-1'
2 non-polymer 'PHOSPHOAMINOPHOSPHONIC ACID-ADENYLATE ESTER'
3 non-polymer 'MAGNESIUM ION'
4 water water
#
_entity_poly.entity_id   1
_entity_poly.type   'polypeptide(L)'
_entity_poly.pdbx_seq_one_letter_code
;MSYYHHHHHHHHHHDYDIPTTENLYFQGAMGQRTVARQITLLECVGKGRYGEVWRGSWQGENVAVKIFSSRDEKSWFRET
ELYNTVMLRHENILGFIASDMTSRHSSTQLWLITHYHEMGSLYDYLQLTTLDTVSCLRIVLSIASGLAHLHIEIFGTQGK
PAIAHRDLKSKNILVKKNGQCCIADLGLAVMHSQSTNQLDVGNNPRVGTKRYMAPEVLDETIQVDCFDSYKRVDIWAFGL
VLWEVARRMVSNGIVEDYKPPFYDVVPNDPSFEDMRKVVCVDQQRPNIPNRWFSDPTLTSLAKLMKECWYQNPSARLTAL
RIAATLTKID
;
_entity_poly.pdbx_strand_id   A
#
loop_
_chem_comp.id
_chem_comp.type
_chem_comp.name
_chem_comp.formula
ANP non-polymer 'PHOSPHOAMINOPHOSPHONIC ACID-ADENYLATE ESTER' 'C10 H17 N6 O12 P3'
MG non-polymer 'MAGNESIUM ION' 'Mg 2'
#
# COMPACT_ATOMS: atom_id res chain seq x y z
N ILE A 39 -16.81 -21.70 -7.96
CA ILE A 39 -16.09 -21.33 -6.74
C ILE A 39 -17.08 -21.16 -5.58
N THR A 40 -16.72 -21.71 -4.42
CA THR A 40 -17.64 -21.81 -3.28
C THR A 40 -17.31 -20.73 -2.26
N LEU A 41 -18.17 -19.72 -2.17
CA LEU A 41 -18.03 -18.70 -1.14
C LEU A 41 -18.33 -19.31 0.23
N LEU A 42 -17.36 -19.28 1.12
CA LEU A 42 -17.49 -19.91 2.44
C LEU A 42 -17.62 -18.86 3.54
N GLU A 43 -16.57 -18.10 3.82
CA GLU A 43 -16.54 -17.20 4.97
C GLU A 43 -16.16 -15.81 4.50
N CYS A 44 -17.08 -14.86 4.66
CA CYS A 44 -16.74 -13.46 4.40
C CYS A 44 -15.83 -12.96 5.50
N VAL A 45 -14.85 -12.15 5.12
CA VAL A 45 -13.85 -11.71 6.09
C VAL A 45 -13.73 -10.19 6.13
N GLY A 46 -14.66 -9.49 5.51
CA GLY A 46 -14.62 -8.03 5.59
C GLY A 46 -15.68 -7.38 4.74
N LYS A 47 -15.88 -6.09 5.02
CA LYS A 47 -16.56 -5.18 4.12
C LYS A 47 -15.57 -4.12 3.68
N GLY A 48 -16.07 -2.94 3.32
CA GLY A 48 -15.21 -1.85 2.92
C GLY A 48 -16.03 -0.71 2.35
N ARG A 49 -15.31 0.30 1.88
CA ARG A 49 -15.94 1.43 1.21
C ARG A 49 -16.16 1.17 -0.27
N TYR A 50 -15.70 0.03 -0.78
CA TYR A 50 -15.83 -0.29 -2.20
C TYR A 50 -16.32 -1.69 -2.49
N GLY A 51 -16.38 -2.57 -1.49
CA GLY A 51 -16.86 -3.92 -1.72
C GLY A 51 -16.67 -4.78 -0.49
N GLU A 52 -16.62 -6.09 -0.73
CA GLU A 52 -16.45 -7.07 0.34
C GLU A 52 -15.55 -8.19 -0.15
N VAL A 53 -14.92 -8.86 0.81
CA VAL A 53 -13.95 -9.91 0.53
C VAL A 53 -14.38 -11.19 1.22
N TRP A 54 -14.26 -12.30 0.52
CA TRP A 54 -14.68 -13.60 1.00
C TRP A 54 -13.50 -14.57 0.97
N ARG A 55 -13.54 -15.56 1.86
CA ARG A 55 -12.69 -16.73 1.74
C ARG A 55 -13.49 -17.82 1.06
N GLY A 56 -13.05 -18.23 -0.14
CA GLY A 56 -13.73 -19.26 -0.88
C GLY A 56 -12.75 -20.35 -1.31
N SER A 57 -13.31 -21.42 -1.85
CA SER A 57 -12.52 -22.48 -2.44
C SER A 57 -12.89 -22.63 -3.91
N TRP A 58 -11.98 -23.22 -4.68
CA TRP A 58 -12.18 -23.39 -6.11
C TRP A 58 -11.74 -24.77 -6.59
N GLU A 61 -8.22 -25.41 -3.68
CA GLU A 61 -7.86 -24.97 -2.34
C GLU A 61 -8.47 -23.61 -2.02
N ASN A 62 -7.82 -22.86 -1.13
CA ASN A 62 -8.35 -21.59 -0.65
C ASN A 62 -7.97 -20.45 -1.57
N VAL A 63 -8.92 -19.55 -1.81
CA VAL A 63 -8.67 -18.31 -2.55
C VAL A 63 -9.46 -17.20 -1.88
N ALA A 64 -8.98 -15.96 -2.07
CA ALA A 64 -9.71 -14.77 -1.67
C ALA A 64 -10.53 -14.25 -2.84
N VAL A 65 -11.73 -13.76 -2.53
CA VAL A 65 -12.66 -13.32 -3.57
C VAL A 65 -13.18 -11.94 -3.18
N LYS A 66 -12.57 -10.89 -3.75
CA LYS A 66 -13.07 -9.54 -3.57
C LYS A 66 -14.26 -9.30 -4.49
N ILE A 67 -15.35 -8.81 -3.92
CA ILE A 67 -16.59 -8.59 -4.66
C ILE A 67 -16.86 -7.10 -4.63
N PHE A 68 -16.80 -6.47 -5.80
CA PHE A 68 -16.86 -5.01 -5.90
C PHE A 68 -18.30 -4.54 -5.99
N SER A 69 -18.60 -3.46 -5.30
CA SER A 69 -19.77 -2.69 -5.60
C SER A 69 -19.66 -2.19 -7.04
N SER A 70 -20.77 -2.19 -7.77
CA SER A 70 -20.72 -1.63 -9.12
C SER A 70 -20.63 -0.11 -9.08
N ARG A 71 -20.83 0.51 -7.92
CA ARG A 71 -20.36 1.87 -7.74
C ARG A 71 -18.83 1.96 -7.74
N ASP A 72 -18.15 0.82 -7.76
CA ASP A 72 -16.70 0.74 -7.89
C ASP A 72 -16.32 -0.16 -9.06
N GLU A 73 -17.05 -0.06 -10.18
CA GLU A 73 -16.70 -0.84 -11.35
C GLU A 73 -15.31 -0.46 -11.86
N LYS A 74 -14.95 0.83 -11.75
CA LYS A 74 -13.70 1.30 -12.32
C LYS A 74 -12.48 0.70 -11.63
N SER A 75 -12.57 0.41 -10.32
CA SER A 75 -11.43 -0.23 -9.67
C SER A 75 -11.31 -1.69 -10.07
N TRP A 76 -12.44 -2.42 -10.16
CA TRP A 76 -12.40 -3.78 -10.66
C TRP A 76 -11.81 -3.84 -12.07
N PHE A 77 -12.21 -2.90 -12.92
CA PHE A 77 -11.66 -2.85 -14.27
C PHE A 77 -10.16 -2.63 -14.23
N ARG A 78 -9.72 -1.54 -13.58
CA ARG A 78 -8.31 -1.23 -13.53
C ARG A 78 -7.49 -2.39 -12.97
N GLU A 79 -7.93 -2.98 -11.86
CA GLU A 79 -7.21 -4.11 -11.28
C GLU A 79 -7.15 -5.27 -12.26
N THR A 80 -8.28 -5.61 -12.87
CA THR A 80 -8.31 -6.66 -13.88
C THR A 80 -7.43 -6.30 -15.08
N GLU A 81 -7.36 -5.01 -15.44
CA GLU A 81 -6.49 -4.59 -16.53
C GLU A 81 -5.03 -4.92 -16.20
N LEU A 82 -4.55 -4.47 -15.05
CA LEU A 82 -3.13 -4.63 -14.73
C LEU A 82 -2.76 -6.11 -14.62
N TYR A 83 -3.55 -6.88 -13.88
CA TYR A 83 -3.19 -8.28 -13.64
C TYR A 83 -3.24 -9.11 -14.93
N ASN A 84 -4.18 -8.81 -15.82
CA ASN A 84 -4.35 -9.64 -17.00
C ASN A 84 -3.44 -9.25 -18.15
N THR A 85 -2.75 -8.10 -18.08
CA THR A 85 -1.90 -7.66 -19.19
C THR A 85 -0.46 -7.42 -18.74
N VAL A 86 -0.27 -6.90 -17.52
CA VAL A 86 1.09 -6.68 -17.03
C VAL A 86 1.74 -7.97 -16.57
N MET A 87 0.94 -8.95 -16.15
CA MET A 87 1.43 -10.25 -15.66
C MET A 87 2.40 -10.04 -14.49
N LEU A 88 1.83 -9.57 -13.39
CA LEU A 88 2.60 -9.18 -12.20
C LEU A 88 2.80 -10.41 -11.33
N ARG A 89 3.95 -11.06 -11.47
CA ARG A 89 4.31 -12.22 -10.65
C ARG A 89 5.55 -11.84 -9.84
N HIS A 90 5.36 -11.68 -8.53
CA HIS A 90 6.46 -11.27 -7.66
C HIS A 90 6.11 -11.62 -6.23
N GLU A 91 7.12 -12.04 -5.47
CA GLU A 91 6.93 -12.47 -4.08
C GLU A 91 6.14 -11.45 -3.27
N ASN A 92 6.43 -10.16 -3.46
CA ASN A 92 5.85 -9.10 -2.65
C ASN A 92 4.73 -8.36 -3.38
N ILE A 93 3.95 -9.07 -4.19
CA ILE A 93 2.76 -8.53 -4.83
C ILE A 93 1.67 -9.58 -4.69
N LEU A 94 0.46 -9.14 -4.32
CA LEU A 94 -0.68 -10.04 -4.24
C LEU A 94 -0.85 -10.82 -5.54
N GLY A 95 -0.63 -12.14 -5.47
CA GLY A 95 -0.81 -12.97 -6.65
C GLY A 95 -2.26 -13.01 -7.11
N PHE A 96 -2.43 -13.14 -8.42
CA PHE A 96 -3.72 -13.05 -9.10
C PHE A 96 -4.10 -14.41 -9.66
N ILE A 97 -5.40 -14.71 -9.65
CA ILE A 97 -5.90 -16.01 -10.09
C ILE A 97 -6.80 -15.82 -11.31
N ALA A 98 -7.91 -15.10 -11.13
CA ALA A 98 -8.85 -14.90 -12.21
C ALA A 98 -9.71 -13.68 -11.88
N SER A 99 -10.65 -13.39 -12.78
CA SER A 99 -11.47 -12.19 -12.72
C SER A 99 -12.69 -12.42 -13.59
N ASP A 100 -13.88 -12.11 -13.07
CA ASP A 100 -15.09 -12.51 -13.77
C ASP A 100 -16.29 -11.68 -13.30
N MET A 101 -17.40 -11.82 -14.01
CA MET A 101 -18.69 -11.20 -13.67
C MET A 101 -19.73 -12.31 -13.60
N THR A 102 -20.52 -12.36 -12.52
CA THR A 102 -21.45 -13.47 -12.35
C THR A 102 -22.77 -13.03 -11.72
N SER A 103 -23.65 -14.02 -11.66
CA SER A 103 -24.93 -14.15 -10.96
C SER A 103 -25.18 -13.35 -9.69
N ARG A 104 -25.43 -14.10 -8.61
CA ARG A 104 -25.76 -13.64 -7.27
C ARG A 104 -26.95 -12.68 -7.23
N HIS A 105 -28.17 -13.24 -7.28
CA HIS A 105 -29.40 -12.48 -7.13
C HIS A 105 -29.55 -11.39 -8.19
N SER A 107 -26.56 -9.10 -7.84
CA SER A 107 -26.81 -9.18 -9.27
C SER A 107 -25.68 -8.51 -10.06
N THR A 108 -25.24 -9.20 -11.12
CA THR A 108 -24.00 -8.92 -11.84
C THR A 108 -22.92 -8.33 -10.94
N GLN A 109 -22.40 -9.14 -10.03
CA GLN A 109 -21.28 -8.73 -9.20
C GLN A 109 -19.96 -8.88 -9.95
N LEU A 110 -18.97 -8.08 -9.58
CA LEU A 110 -17.65 -8.12 -10.19
C LEU A 110 -16.68 -8.76 -9.21
N TRP A 111 -16.13 -9.92 -9.59
CA TRP A 111 -15.23 -10.67 -8.74
C TRP A 111 -13.78 -10.48 -9.17
N LEU A 112 -12.90 -10.27 -8.19
CA LEU A 112 -11.45 -10.33 -8.38
C LEU A 112 -10.92 -11.39 -7.43
N ILE A 113 -10.36 -12.46 -7.99
CA ILE A 113 -9.98 -13.65 -7.24
C ILE A 113 -8.47 -13.68 -7.13
N THR A 114 -7.96 -13.67 -5.91
CA THR A 114 -6.53 -13.57 -5.65
C THR A 114 -6.11 -14.66 -4.66
N HIS A 115 -4.81 -14.72 -4.41
CA HIS A 115 -4.26 -15.61 -3.40
C HIS A 115 -4.86 -15.29 -2.03
N TYR A 116 -5.35 -16.32 -1.35
CA TYR A 116 -5.81 -16.14 0.02
C TYR A 116 -4.64 -16.16 0.98
N HIS A 117 -4.60 -15.19 1.88
CA HIS A 117 -3.59 -15.13 2.93
C HIS A 117 -4.31 -15.08 4.28
N GLU A 118 -4.29 -16.21 4.99
CA GLU A 118 -5.11 -16.39 6.18
C GLU A 118 -4.75 -15.46 7.32
N MET A 119 -3.59 -14.80 7.27
CA MET A 119 -3.20 -13.86 8.31
C MET A 119 -3.69 -12.45 8.05
N GLY A 120 -4.16 -12.16 6.84
CA GLY A 120 -4.85 -10.90 6.63
C GLY A 120 -3.94 -9.69 6.52
N SER A 121 -4.56 -8.52 6.68
CA SER A 121 -3.87 -7.26 6.46
C SER A 121 -2.74 -7.07 7.47
N LEU A 122 -1.71 -6.35 7.03
CA LEU A 122 -0.71 -5.86 7.97
C LEU A 122 -1.36 -5.04 9.07
N TYR A 123 -2.42 -4.30 8.71
CA TYR A 123 -3.14 -3.48 9.68
C TYR A 123 -3.71 -4.34 10.81
N ASP A 124 -4.41 -5.42 10.47
CA ASP A 124 -4.93 -6.30 11.51
C ASP A 124 -3.79 -7.07 12.19
N TYR A 125 -2.74 -7.39 11.44
CA TYR A 125 -1.62 -8.13 12.01
C TYR A 125 -0.93 -7.31 13.11
N LEU A 126 -0.76 -5.99 12.89
CA LEU A 126 0.00 -5.18 13.83
C LEU A 126 -0.77 -4.94 15.13
N GLN A 127 -2.11 -5.05 15.10
CA GLN A 127 -2.91 -4.88 16.31
C GLN A 127 -2.97 -6.14 17.14
N LEU A 128 -2.65 -7.29 16.56
CA LEU A 128 -2.67 -8.58 17.24
C LEU A 128 -1.34 -8.95 17.89
N THR A 129 -0.22 -8.58 17.26
CA THR A 129 1.08 -9.17 17.58
C THR A 129 2.13 -8.10 17.76
N THR A 130 3.23 -8.49 18.39
CA THR A 130 4.41 -7.65 18.54
C THR A 130 5.52 -8.18 17.64
N LEU A 131 6.46 -7.31 17.31
CA LEU A 131 7.57 -7.66 16.45
C LEU A 131 8.88 -7.48 17.20
N ASP A 132 9.89 -8.24 16.77
CA ASP A 132 11.24 -8.07 17.25
C ASP A 132 12.07 -7.37 16.18
N THR A 133 13.36 -7.71 16.11
CA THR A 133 14.20 -7.18 15.05
C THR A 133 14.07 -8.00 13.76
N VAL A 134 13.99 -9.32 13.88
CA VAL A 134 14.01 -10.17 12.70
C VAL A 134 12.72 -10.04 11.90
N SER A 135 11.56 -10.06 12.58
CA SER A 135 10.28 -10.05 11.88
C SER A 135 9.92 -8.65 11.37
N CYS A 136 10.45 -7.60 12.00
CA CYS A 136 10.12 -6.23 11.62
C CYS A 136 10.88 -5.81 10.36
N LEU A 137 12.15 -6.18 10.26
CA LEU A 137 12.90 -5.88 9.04
C LEU A 137 12.43 -6.74 7.89
N ARG A 138 12.17 -8.03 8.16
CA ARG A 138 11.54 -8.92 7.18
C ARG A 138 10.29 -8.31 6.57
N ILE A 139 9.56 -7.51 7.35
CA ILE A 139 8.29 -6.95 6.88
C ILE A 139 8.50 -5.66 6.10
N VAL A 140 9.33 -4.74 6.59
CA VAL A 140 9.49 -3.48 5.87
C VAL A 140 10.33 -3.67 4.61
N LEU A 141 11.27 -4.62 4.62
CA LEU A 141 12.01 -4.92 3.40
C LEU A 141 11.09 -5.50 2.33
N SER A 142 10.25 -6.46 2.72
CA SER A 142 9.38 -7.10 1.75
C SER A 142 8.42 -6.09 1.11
N ILE A 143 7.93 -5.13 1.91
CA ILE A 143 7.12 -4.05 1.34
C ILE A 143 7.97 -3.21 0.39
N ALA A 144 9.21 -2.91 0.79
CA ALA A 144 10.06 -2.07 -0.03
C ALA A 144 10.35 -2.71 -1.38
N SER A 145 10.62 -4.01 -1.39
CA SER A 145 10.92 -4.70 -2.66
C SER A 145 9.68 -4.78 -3.54
N GLY A 146 8.50 -4.99 -2.94
CA GLY A 146 7.27 -4.96 -3.72
C GLY A 146 7.06 -3.61 -4.38
N LEU A 147 7.22 -2.54 -3.61
CA LEU A 147 7.04 -1.20 -4.16
C LEU A 147 8.09 -0.89 -5.23
N ALA A 148 9.34 -1.30 -4.99
CA ALA A 148 10.39 -1.07 -5.98
C ALA A 148 10.08 -1.80 -7.29
N HIS A 149 9.68 -3.07 -7.19
CA HIS A 149 9.38 -3.84 -8.38
C HIS A 149 8.20 -3.24 -9.15
N LEU A 150 7.23 -2.67 -8.44
CA LEU A 150 6.16 -1.93 -9.12
C LEU A 150 6.71 -0.71 -9.83
N HIS A 151 7.69 -0.04 -9.22
CA HIS A 151 8.08 1.29 -9.69
C HIS A 151 9.01 1.27 -10.90
N ILE A 152 9.83 0.22 -11.06
CA ILE A 152 10.78 0.16 -12.16
C ILE A 152 10.12 -0.47 -13.38
N GLU A 153 10.50 0.01 -14.57
CA GLU A 153 10.11 -0.65 -15.81
C GLU A 153 11.08 -1.78 -16.09
N ILE A 154 10.54 -2.99 -16.26
CA ILE A 154 11.31 -4.13 -16.75
C ILE A 154 11.11 -4.20 -18.26
N PHE A 155 12.22 -4.26 -18.99
CA PHE A 155 12.18 -4.52 -20.43
C PHE A 155 12.44 -6.00 -20.71
N GLY A 156 11.98 -6.44 -21.87
CA GLY A 156 12.14 -7.82 -22.27
C GLY A 156 10.81 -8.53 -22.38
N THR A 157 10.90 -9.82 -22.74
CA THR A 157 9.71 -10.62 -22.96
C THR A 157 8.84 -10.68 -21.70
N GLN A 158 9.44 -11.04 -20.57
CA GLN A 158 8.72 -11.11 -19.29
C GLN A 158 8.76 -9.77 -18.56
N GLY A 159 8.59 -8.66 -19.28
CA GLY A 159 8.73 -7.34 -18.71
C GLY A 159 7.42 -6.79 -18.17
N LYS A 160 7.45 -5.49 -17.88
CA LYS A 160 6.32 -4.79 -17.27
C LYS A 160 6.53 -3.30 -17.47
N PRO A 161 5.47 -2.51 -17.47
CA PRO A 161 5.65 -1.06 -17.41
C PRO A 161 5.94 -0.62 -15.97
N ALA A 162 6.30 0.66 -15.84
CA ALA A 162 6.44 1.25 -14.52
C ALA A 162 5.06 1.55 -13.95
N ILE A 163 4.83 1.13 -12.70
CA ILE A 163 3.51 1.20 -12.07
C ILE A 163 3.63 1.94 -10.74
N ALA A 164 2.75 2.90 -10.52
CA ALA A 164 2.65 3.55 -9.21
C ALA A 164 1.33 3.20 -8.57
N HIS A 165 1.36 2.93 -7.26
CA HIS A 165 0.23 2.31 -6.56
C HIS A 165 -0.92 3.28 -6.33
N ARG A 166 -0.65 4.36 -5.57
CA ARG A 166 -1.50 5.52 -5.31
C ARG A 166 -2.46 5.36 -4.13
N ASP A 167 -2.58 4.17 -3.54
CA ASP A 167 -3.40 3.99 -2.34
C ASP A 167 -2.72 3.01 -1.39
N LEU A 168 -1.45 3.24 -1.12
CA LEU A 168 -0.66 2.34 -0.28
C LEU A 168 -0.95 2.60 1.18
N LYS A 169 -1.20 1.54 1.94
CA LYS A 169 -1.57 1.66 3.35
C LYS A 169 -1.50 0.27 3.96
N SER A 170 -1.47 0.23 5.29
CA SER A 170 -1.33 -1.04 5.99
C SER A 170 -2.51 -1.96 5.73
N LYS A 171 -3.69 -1.40 5.44
CA LYS A 171 -4.82 -2.23 5.07
C LYS A 171 -4.68 -2.79 3.65
N ASN A 172 -3.81 -2.20 2.83
CA ASN A 172 -3.56 -2.69 1.47
C ASN A 172 -2.25 -3.45 1.36
N ILE A 173 -1.77 -3.99 2.47
CA ILE A 173 -0.64 -4.91 2.51
C ILE A 173 -1.11 -6.14 3.28
N LEU A 174 -0.85 -7.33 2.73
CA LEU A 174 -1.18 -8.57 3.39
C LEU A 174 0.07 -9.26 3.89
N VAL A 175 -0.07 -10.00 4.99
CA VAL A 175 1.01 -10.80 5.56
C VAL A 175 0.76 -12.25 5.20
N LYS A 176 1.73 -12.89 4.55
CA LYS A 176 1.57 -14.28 4.14
C LYS A 176 2.36 -15.20 5.07
N LYS A 177 2.01 -16.49 5.00
CA LYS A 177 2.49 -17.49 5.95
C LYS A 177 3.95 -17.87 5.69
N ASN A 178 4.79 -16.87 5.38
CA ASN A 178 6.23 -17.13 5.30
C ASN A 178 7.04 -15.88 5.60
N GLY A 179 6.55 -15.01 6.48
CA GLY A 179 7.24 -13.81 6.91
C GLY A 179 7.10 -12.62 5.98
N GLN A 180 7.18 -12.86 4.67
CA GLN A 180 7.04 -11.79 3.70
C GLN A 180 5.64 -11.21 3.72
N CYS A 181 5.53 -9.99 3.20
CA CYS A 181 4.26 -9.35 2.93
C CYS A 181 4.14 -9.06 1.43
N CYS A 182 2.91 -9.02 0.94
CA CYS A 182 2.66 -8.61 -0.44
C CYS A 182 1.78 -7.37 -0.44
N ILE A 183 1.92 -6.59 -1.51
CA ILE A 183 1.12 -5.40 -1.75
C ILE A 183 -0.09 -5.80 -2.60
N ALA A 184 -1.23 -5.15 -2.32
CA ALA A 184 -2.50 -5.50 -2.93
C ALA A 184 -3.24 -4.23 -3.32
N ASP A 185 -4.35 -4.41 -4.02
CA ASP A 185 -5.22 -3.33 -4.49
C ASP A 185 -4.51 -2.43 -5.50
N LEU A 186 -4.56 -2.80 -6.78
CA LEU A 186 -4.03 -1.96 -7.84
C LEU A 186 -5.13 -1.16 -8.53
N GLY A 187 -6.22 -0.88 -7.82
CA GLY A 187 -7.38 -0.24 -8.41
C GLY A 187 -7.16 1.19 -8.87
N LEU A 188 -6.13 1.86 -8.35
CA LEU A 188 -5.83 3.24 -8.72
C LEU A 188 -4.50 3.36 -9.45
N ALA A 189 -3.88 2.23 -9.78
CA ALA A 189 -2.52 2.24 -10.30
C ALA A 189 -2.41 3.04 -11.59
N VAL A 190 -1.31 3.79 -11.71
CA VAL A 190 -0.95 4.48 -12.95
C VAL A 190 0.28 3.80 -13.52
N MET A 191 0.39 3.85 -14.85
CA MET A 191 1.46 3.15 -15.54
C MET A 191 2.19 4.09 -16.49
N HIS A 192 3.48 3.83 -16.66
CA HIS A 192 4.31 4.60 -17.58
C HIS A 192 5.19 3.63 -18.35
N SER A 193 5.24 3.80 -19.66
CA SER A 193 6.06 2.96 -20.54
C SER A 193 7.10 3.85 -21.21
N GLN A 194 8.38 3.54 -20.97
CA GLN A 194 9.45 4.37 -21.51
C GLN A 194 9.45 4.37 -23.03
N SER A 195 9.06 3.26 -23.65
CA SER A 195 9.17 3.14 -25.11
C SER A 195 8.31 4.18 -25.82
N THR A 196 7.21 4.58 -25.21
CA THR A 196 6.29 5.57 -25.79
C THR A 196 6.24 6.87 -25.00
N ASN A 197 6.86 6.92 -23.82
CA ASN A 197 6.66 8.02 -22.87
C ASN A 197 5.19 8.30 -22.61
N GLN A 198 4.35 7.27 -22.72
CA GLN A 198 2.92 7.43 -22.47
C GLN A 198 2.64 7.18 -21.00
N LEU A 199 1.98 8.14 -20.36
CA LEU A 199 1.50 8.02 -19.00
C LEU A 199 0.03 7.64 -19.05
N ASP A 200 -0.34 6.58 -18.32
CA ASP A 200 -1.68 6.00 -18.36
C ASP A 200 -2.26 6.06 -16.95
N VAL A 201 -3.18 7.00 -16.71
CA VAL A 201 -3.71 7.25 -15.38
C VAL A 201 -5.12 6.66 -15.19
N GLY A 202 -5.70 6.06 -16.23
CA GLY A 202 -7.03 5.51 -16.12
C GLY A 202 -8.11 6.58 -16.03
N ASN A 203 -9.34 6.13 -15.80
CA ASN A 203 -10.48 7.02 -15.63
C ASN A 203 -11.26 6.67 -14.37
N ASN A 204 -10.53 6.38 -13.30
CA ASN A 204 -11.16 6.06 -12.02
C ASN A 204 -11.33 7.34 -11.21
N PRO A 205 -12.55 7.73 -10.84
CA PRO A 205 -12.72 8.95 -10.05
C PRO A 205 -12.42 8.76 -8.57
N ARG A 206 -12.21 7.53 -8.12
CA ARG A 206 -11.82 7.28 -6.74
C ARG A 206 -10.47 7.93 -6.43
N VAL A 207 -10.32 8.42 -5.22
CA VAL A 207 -9.06 8.99 -4.75
C VAL A 207 -8.55 8.13 -3.60
N GLY A 208 -7.24 8.24 -3.34
CA GLY A 208 -6.61 7.42 -2.33
C GLY A 208 -7.15 7.69 -0.93
N THR A 209 -6.74 6.82 -0.02
CA THR A 209 -7.15 6.94 1.38
C THR A 209 -6.69 8.28 1.94
N LYS A 210 -7.66 9.07 2.42
CA LYS A 210 -7.39 10.46 2.78
C LYS A 210 -6.28 10.59 3.81
N ARG A 211 -6.18 9.63 4.74
CA ARG A 211 -5.20 9.73 5.81
C ARG A 211 -3.77 9.68 5.26
N TYR A 212 -3.54 8.89 4.21
CA TYR A 212 -2.19 8.64 3.71
C TYR A 212 -1.80 9.56 2.56
N MET A 213 -2.59 10.58 2.26
CA MET A 213 -2.30 11.43 1.11
C MET A 213 -1.05 12.28 1.34
N ALA A 214 -0.25 12.42 0.29
CA ALA A 214 0.90 13.30 0.35
C ALA A 214 0.44 14.75 0.32
N PRO A 215 1.25 15.68 0.85
CA PRO A 215 0.85 17.09 0.82
C PRO A 215 0.58 17.62 -0.58
N GLU A 216 1.36 17.21 -1.58
CA GLU A 216 1.12 17.68 -2.94
C GLU A 216 -0.23 17.20 -3.47
N VAL A 217 -0.72 16.06 -2.96
CA VAL A 217 -2.07 15.62 -3.31
C VAL A 217 -3.10 16.52 -2.64
N LEU A 218 -2.86 16.90 -1.39
CA LEU A 218 -3.87 17.60 -0.60
C LEU A 218 -4.02 19.06 -1.03
N ASP A 219 -2.90 19.78 -1.20
CA ASP A 219 -2.99 21.15 -1.70
C ASP A 219 -3.22 21.20 -3.20
N GLU A 220 -3.26 20.06 -3.87
CA GLU A 220 -3.60 19.97 -5.30
C GLU A 220 -2.57 20.70 -6.17
N THR A 221 -1.29 20.45 -5.91
CA THR A 221 -0.22 20.96 -6.75
C THR A 221 0.64 19.84 -7.32
N ILE A 222 0.22 18.58 -7.17
CA ILE A 222 0.95 17.48 -7.78
C ILE A 222 0.97 17.67 -9.30
N GLN A 223 2.13 17.47 -9.90
CA GLN A 223 2.22 17.46 -11.36
C GLN A 223 1.56 16.18 -11.87
N VAL A 224 0.41 16.34 -12.53
CA VAL A 224 -0.34 15.19 -13.01
C VAL A 224 0.28 14.58 -14.27
N ASP A 225 1.06 15.35 -15.03
CA ASP A 225 1.67 14.84 -16.24
C ASP A 225 2.93 14.04 -15.97
N CYS A 226 3.58 14.25 -14.83
CA CYS A 226 4.89 13.67 -14.54
C CYS A 226 4.70 12.40 -13.71
N PHE A 227 4.93 11.24 -14.33
CA PHE A 227 4.75 9.95 -13.67
C PHE A 227 5.52 9.86 -12.35
N ASP A 228 6.67 10.53 -12.26
CA ASP A 228 7.50 10.42 -11.07
C ASP A 228 6.79 10.94 -9.83
N SER A 229 5.91 11.94 -10.01
CA SER A 229 5.21 12.51 -8.86
C SER A 229 4.27 11.48 -8.24
N TYR A 230 3.75 10.54 -9.03
CA TYR A 230 2.98 9.43 -8.45
C TYR A 230 3.87 8.46 -7.69
N LYS A 231 5.11 8.26 -8.16
CA LYS A 231 6.05 7.45 -7.40
C LYS A 231 6.35 8.10 -6.05
N ARG A 232 6.51 9.43 -6.04
CA ARG A 232 6.76 10.14 -4.80
C ARG A 232 5.56 10.15 -3.87
N VAL A 233 4.35 9.96 -4.41
CA VAL A 233 3.18 9.81 -3.55
C VAL A 233 3.21 8.46 -2.84
N ASP A 234 3.64 7.41 -3.54
CA ASP A 234 3.76 6.10 -2.91
C ASP A 234 4.78 6.12 -1.78
N ILE A 235 5.88 6.86 -1.98
CA ILE A 235 6.95 6.88 -0.98
C ILE A 235 6.48 7.56 0.29
N TRP A 236 5.74 8.65 0.16
CA TRP A 236 5.21 9.34 1.33
C TRP A 236 4.37 8.40 2.18
N ALA A 237 3.44 7.70 1.54
CA ALA A 237 2.60 6.75 2.25
C ALA A 237 3.41 5.59 2.81
N PHE A 238 4.46 5.17 2.08
CA PHE A 238 5.33 4.12 2.59
C PHE A 238 6.01 4.53 3.89
N GLY A 239 6.37 5.82 3.99
CA GLY A 239 6.94 6.30 5.23
C GLY A 239 5.97 6.19 6.39
N LEU A 240 4.69 6.52 6.14
CA LEU A 240 3.65 6.33 7.15
C LEU A 240 3.59 4.87 7.59
N VAL A 241 3.48 3.95 6.63
CA VAL A 241 3.46 2.52 6.96
C VAL A 241 4.67 2.13 7.77
N LEU A 242 5.84 2.69 7.43
CA LEU A 242 7.06 2.39 8.19
C LEU A 242 6.90 2.78 9.65
N TRP A 243 6.34 3.97 9.90
CA TRP A 243 6.08 4.41 11.26
C TRP A 243 5.10 3.48 11.97
N GLU A 244 4.07 3.02 11.25
CA GLU A 244 3.11 2.09 11.83
C GLU A 244 3.78 0.80 12.29
N VAL A 245 4.69 0.28 11.46
CA VAL A 245 5.31 -1.02 11.76
C VAL A 245 6.35 -0.88 12.86
N ALA A 246 7.17 0.17 12.80
CA ALA A 246 8.26 0.33 13.77
C ALA A 246 7.74 0.47 15.18
N ARG A 247 6.56 1.08 15.36
CA ARG A 247 5.97 1.23 16.68
C ARG A 247 5.80 -0.11 17.38
N ARG A 248 5.52 -1.17 16.61
CA ARG A 248 5.20 -2.47 17.16
C ARG A 248 6.42 -3.37 17.31
N MET A 249 7.63 -2.83 17.18
CA MET A 249 8.85 -3.58 17.39
C MET A 249 9.34 -3.35 18.81
N VAL A 250 9.65 -4.45 19.50
CA VAL A 250 10.09 -4.36 20.89
C VAL A 250 11.55 -3.92 20.94
N SER A 251 11.86 -3.07 21.91
CA SER A 251 13.24 -2.70 22.22
C SER A 251 13.29 -2.29 23.68
N ASN A 252 14.34 -2.74 24.38
CA ASN A 252 14.47 -2.51 25.83
C ASN A 252 13.17 -2.88 26.55
N GLY A 253 12.50 -3.91 26.04
CA GLY A 253 11.36 -4.52 26.67
C GLY A 253 10.01 -3.86 26.45
N ILE A 254 9.93 -2.77 25.69
CA ILE A 254 8.70 -2.00 25.59
C ILE A 254 8.27 -1.87 24.13
N VAL A 255 7.00 -1.48 23.95
CA VAL A 255 6.37 -1.26 22.65
C VAL A 255 5.52 -0.02 22.72
N GLU A 256 5.05 0.41 21.56
CA GLU A 256 3.90 1.30 21.47
C GLU A 256 2.68 0.50 21.06
N ASP A 257 1.51 0.97 21.48
CA ASP A 257 0.28 0.41 20.94
C ASP A 257 0.18 0.74 19.46
N TYR A 258 -0.48 -0.14 18.72
CA TYR A 258 -0.78 0.23 17.34
C TYR A 258 -1.60 1.51 17.34
N LYS A 259 -1.22 2.42 16.46
CA LYS A 259 -1.98 3.61 16.16
C LYS A 259 -1.87 3.88 14.66
N PRO A 260 -2.91 4.44 14.05
CA PRO A 260 -2.79 4.84 12.64
C PRO A 260 -2.06 6.16 12.52
N PRO A 261 -1.47 6.46 11.37
CA PRO A 261 -0.76 7.74 11.22
C PRO A 261 -1.64 8.92 11.57
N PHE A 262 -1.06 9.88 12.29
CA PHE A 262 -1.75 11.12 12.70
C PHE A 262 -2.94 10.83 13.59
N TYR A 263 -2.87 9.71 14.34
CA TYR A 263 -3.96 9.32 15.22
C TYR A 263 -4.29 10.39 16.25
N ASP A 264 -3.30 11.21 16.62
CA ASP A 264 -3.41 12.11 17.75
C ASP A 264 -3.92 13.49 17.37
N VAL A 265 -4.35 13.70 16.13
CA VAL A 265 -4.57 15.06 15.64
C VAL A 265 -5.67 15.10 14.59
N VAL A 266 -6.09 13.94 14.09
CA VAL A 266 -7.22 13.87 13.17
C VAL A 266 -8.17 12.78 13.63
N PRO A 267 -9.47 12.90 13.36
CA PRO A 267 -10.39 11.84 13.78
C PRO A 267 -10.28 10.63 12.85
N ASN A 268 -10.83 9.51 13.33
CA ASN A 268 -11.02 8.37 12.45
C ASN A 268 -11.87 8.78 11.26
N ASP A 269 -11.54 8.26 10.09
CA ASP A 269 -12.05 8.75 8.82
C ASP A 269 -11.93 10.27 8.75
N PRO A 270 -10.72 10.81 8.64
CA PRO A 270 -10.58 12.25 8.39
C PRO A 270 -11.00 12.57 6.97
N SER A 271 -11.44 13.81 6.79
CA SER A 271 -11.89 14.25 5.47
C SER A 271 -10.84 15.13 4.82
N PHE A 272 -11.12 15.51 3.55
CA PHE A 272 -10.15 16.21 2.72
C PHE A 272 -9.60 17.46 3.42
N GLU A 273 -10.49 18.36 3.84
CA GLU A 273 -10.06 19.57 4.51
C GLU A 273 -9.37 19.27 5.84
N ASP A 274 -9.70 18.15 6.47
CA ASP A 274 -9.10 17.81 7.76
C ASP A 274 -7.61 17.57 7.62
N MET A 275 -7.22 16.68 6.70
CA MET A 275 -5.80 16.37 6.53
C MET A 275 -5.03 17.55 5.96
N ARG A 276 -5.69 18.41 5.18
CA ARG A 276 -5.02 19.56 4.61
C ARG A 276 -4.42 20.45 5.69
N LYS A 277 -5.15 20.67 6.79
CA LYS A 277 -4.64 21.49 7.88
C LYS A 277 -3.39 20.87 8.49
N VAL A 278 -3.35 19.55 8.61
CA VAL A 278 -2.28 18.88 9.35
C VAL A 278 -1.02 18.80 8.51
N VAL A 279 -1.12 18.30 7.29
CA VAL A 279 0.07 17.97 6.50
C VAL A 279 0.64 19.21 5.82
N CYS A 280 -0.22 20.03 5.21
CA CYS A 280 0.25 21.13 4.39
C CYS A 280 0.47 22.41 5.21
N VAL A 281 -0.59 22.92 5.83
CA VAL A 281 -0.48 24.17 6.58
C VAL A 281 0.44 24.00 7.78
N ASP A 282 0.04 23.14 8.72
CA ASP A 282 0.79 22.99 9.96
C ASP A 282 2.00 22.09 9.83
N GLN A 283 2.14 21.37 8.71
CA GLN A 283 3.36 20.63 8.37
C GLN A 283 3.72 19.60 9.43
N GLN A 284 2.74 18.79 9.79
CA GLN A 284 2.92 17.79 10.84
C GLN A 284 3.39 16.46 10.27
N ARG A 285 4.25 15.79 11.02
CA ARG A 285 4.71 14.43 10.78
C ARG A 285 4.41 13.62 12.03
N PRO A 286 4.31 12.29 11.91
CA PRO A 286 4.21 11.46 13.12
C PRO A 286 5.44 11.65 14.01
N ASN A 287 5.24 11.47 15.31
CA ASN A 287 6.32 11.68 16.26
C ASN A 287 7.12 10.39 16.46
N ILE A 288 8.45 10.53 16.53
CA ILE A 288 9.32 9.41 16.84
C ILE A 288 9.31 9.19 18.35
N PRO A 289 8.98 7.99 18.83
CA PRO A 289 9.18 7.70 20.27
C PRO A 289 10.66 7.76 20.62
N ASN A 290 10.95 8.26 21.81
CA ASN A 290 12.34 8.41 22.20
C ASN A 290 13.03 7.07 22.42
N ARG A 291 12.27 6.02 22.72
CA ARG A 291 12.85 4.70 22.94
C ARG A 291 13.39 4.06 21.66
N TRP A 292 13.11 4.64 20.49
CA TRP A 292 13.75 4.17 19.26
C TRP A 292 15.24 4.50 19.26
N PHE A 293 15.63 5.55 19.98
CA PHE A 293 17.01 5.98 20.10
C PHE A 293 17.78 5.21 21.16
N SER A 294 17.23 4.08 21.62
CA SER A 294 17.96 3.11 22.43
C SER A 294 17.99 1.76 21.74
N ASP A 295 17.81 1.74 20.41
CA ASP A 295 17.92 0.57 19.56
C ASP A 295 18.52 1.03 18.25
N PRO A 296 19.52 0.29 17.72
CA PRO A 296 20.12 0.70 16.44
C PRO A 296 19.24 0.43 15.23
N THR A 297 18.29 -0.49 15.30
CA THR A 297 17.40 -0.73 14.16
C THR A 297 16.39 0.41 14.00
N LEU A 298 15.65 0.71 15.08
CA LEU A 298 14.71 1.83 15.03
C LEU A 298 15.43 3.14 14.74
N THR A 299 16.67 3.25 15.18
CA THR A 299 17.56 4.33 14.77
C THR A 299 17.50 4.53 13.26
N SER A 300 17.83 3.48 12.51
CA SER A 300 17.90 3.54 11.06
C SER A 300 16.57 3.21 10.38
N LEU A 301 15.50 3.01 11.16
CA LEU A 301 14.15 3.01 10.58
C LEU A 301 13.56 4.42 10.64
N ALA A 302 13.76 5.13 11.74
CA ALA A 302 13.47 6.56 11.76
C ALA A 302 14.34 7.31 10.76
N LYS A 303 15.49 6.74 10.39
CA LYS A 303 16.30 7.28 9.30
C LYS A 303 15.51 7.33 8.00
N LEU A 304 14.85 6.22 7.67
CA LEU A 304 14.13 6.15 6.39
C LEU A 304 12.92 7.08 6.38
N MET A 305 12.06 6.98 7.41
CA MET A 305 10.81 7.77 7.44
C MET A 305 11.09 9.24 7.26
N LYS A 306 12.14 9.72 7.92
CA LYS A 306 12.74 11.04 7.67
C LYS A 306 12.70 11.39 6.19
N GLU A 307 13.22 10.49 5.36
CA GLU A 307 13.48 10.78 3.95
C GLU A 307 12.40 10.24 3.03
N CYS A 308 11.21 9.97 3.57
CA CYS A 308 9.98 9.83 2.78
C CYS A 308 8.99 10.93 3.09
N TRP A 309 9.30 11.81 4.03
CA TRP A 309 8.35 12.75 4.59
C TRP A 309 8.64 14.20 4.23
N TYR A 310 9.74 14.49 3.53
CA TYR A 310 9.99 15.84 3.05
C TYR A 310 8.75 16.34 2.33
N GLN A 311 8.34 17.58 2.65
CA GLN A 311 7.18 18.09 1.92
C GLN A 311 7.53 18.35 0.45
N ASN A 312 8.77 18.71 0.17
CA ASN A 312 9.23 18.79 -1.21
C ASN A 312 9.41 17.39 -1.76
N PRO A 313 8.56 16.92 -2.68
CA PRO A 313 8.61 15.49 -3.08
C PRO A 313 9.89 15.08 -3.77
N SER A 314 10.61 16.02 -4.39
CA SER A 314 11.84 15.67 -5.11
C SER A 314 12.92 15.14 -4.18
N ALA A 315 12.94 15.61 -2.94
CA ALA A 315 13.96 15.19 -1.99
C ALA A 315 13.73 13.79 -1.44
N ARG A 316 12.56 13.20 -1.66
CA ARG A 316 12.22 11.93 -1.06
C ARG A 316 13.03 10.79 -1.67
N LEU A 317 13.33 9.80 -0.84
CA LEU A 317 14.02 8.60 -1.30
C LEU A 317 13.20 7.86 -2.36
N THR A 318 13.87 6.98 -3.09
CA THR A 318 13.20 6.09 -4.02
C THR A 318 13.04 4.71 -3.38
N ALA A 319 12.10 3.93 -3.92
CA ALA A 319 11.88 2.58 -3.40
C ALA A 319 13.10 1.71 -3.60
N LEU A 320 13.83 1.90 -4.72
CA LEU A 320 15.10 1.21 -4.89
C LEU A 320 16.08 1.60 -3.81
N ARG A 321 16.17 2.90 -3.50
CA ARG A 321 17.09 3.35 -2.47
C ARG A 321 16.68 2.83 -1.11
N ILE A 322 15.37 2.84 -0.81
CA ILE A 322 14.88 2.28 0.44
C ILE A 322 15.20 0.79 0.51
N ALA A 323 14.90 0.05 -0.57
CA ALA A 323 15.19 -1.37 -0.59
C ALA A 323 16.69 -1.65 -0.49
N ALA A 324 17.52 -0.76 -1.06
CA ALA A 324 18.96 -0.92 -0.93
C ALA A 324 19.40 -0.72 0.52
N THR A 325 18.90 0.35 1.16
CA THR A 325 19.26 0.65 2.53
C THR A 325 18.90 -0.50 3.47
N LEU A 326 17.76 -1.14 3.24
CA LEU A 326 17.28 -2.19 4.13
C LEU A 326 17.99 -3.52 3.88
N THR A 327 19.20 -3.47 3.36
CA THR A 327 19.99 -4.68 3.12
C THR A 327 21.47 -4.46 3.45
PG ANP B . -9.99 -0.01 2.18
O1G ANP B . -10.14 -0.50 0.78
O2G ANP B . -11.41 0.39 2.77
O3G ANP B . -9.02 1.24 2.20
PB ANP B . -10.35 -2.55 3.32
O1B ANP B . -9.69 -3.48 4.27
O2B ANP B . -11.73 -2.09 3.88
N3B ANP B . -9.33 -1.23 3.15
PA ANP B . -11.21 -4.68 1.75
O1A ANP B . -12.66 -4.58 1.42
O2A ANP B . -10.38 -5.39 0.67
O3A ANP B . -10.56 -3.22 1.92
O5' ANP B . -11.08 -5.38 3.16
C5' ANP B . -11.80 -6.58 3.51
C4' ANP B . -10.94 -7.40 4.44
O4' ANP B . -10.38 -8.52 3.72
C3' ANP B . -9.75 -6.66 5.07
O3' ANP B . -9.60 -7.02 6.44
C2' ANP B . -8.57 -7.13 4.22
O2' ANP B . -7.35 -7.11 4.97
C1' ANP B . -8.99 -8.56 3.90
N9 ANP B . -8.38 -9.09 2.68
C8 ANP B . -8.25 -8.45 1.47
N7 ANP B . -7.67 -9.17 0.54
C5 ANP B . -7.38 -10.37 1.18
C6 ANP B . -6.76 -11.54 0.74
N6 ANP B . -6.28 -11.73 -0.49
N1 ANP B . -6.63 -12.56 1.63
C2 ANP B . -7.10 -12.38 2.88
N3 ANP B . -7.70 -11.32 3.40
C4 ANP B . -7.82 -10.33 2.50
MG MG C . -6.93 -5.23 0.35
MG MG D . -7.36 9.32 14.09
MG MG E . -8.81 2.10 -17.89
MG MG F . 3.96 -7.20 -18.62
MG MG G . -9.42 -2.15 -5.86
MG MG H . -4.94 -6.51 -5.35
MG MG I . -13.45 -3.26 6.27
MG MG J . -8.25 -3.11 -0.39
#